data_4FX5
#
_entry.id   4FX5
#
_cell.length_a   49.673
_cell.length_b   62.631
_cell.length_c   142.546
_cell.angle_alpha   90.00
_cell.angle_beta   90.00
_cell.angle_gamma   90.00
#
_symmetry.space_group_name_H-M   'P 21 21 21'
#
loop_
_entity.id
_entity.type
_entity.pdbx_description
1 polymer 'von Willebrand factor type A'
2 non-polymer 'SODIUM ION'
3 water water
#
_entity_poly.entity_id   1
_entity_poly.type   'polypeptide(L)'
_entity_poly.pdbx_seq_one_letter_code
;(MSE)HHHHHHSSGVDLGTENLYFQSNA(MSE)SQYPDFAFEINQNEFLAAGVREVHAVVTLTATAAAGGAPAAASYGAP
ASGSENVEVIIIDCSGS(MSE)DYPRTK(MSE)(MSE)AAKEATKVAIDTLTDGAFFAVVAGTEGARVVYPTGGQLLRAD
YQSRAAAKEAVGRLHANGGTA(MSE)GRWLAQAGRIFDTAPSAIKHAILLTDGKDESETPADLARAIQSSIGNFTADCRG
IGEDWEPKELRKIADALLGTVGIIRDPATLAEDFRE(MSE)TAKS(MSE)GKEVADVALRLWAPKGATIRYVKQVSPNLA
DLSG(MSE)RVPGDNPLTGDYPTGAWGAESREYHICVEVEPGNIGQEKLAGRVQLVAKDAGGATLLGEGKIRAVWTEDTD
LSTRINGRVAHYTGQAE(MSE)AAAIQEGLDAQAAGDLDTATARLGRA(MSE)DLAVESGHEDTVK(MSE)LRKVTEVDP
ATSKVRAKAKVDKGDA(MSE)ELDVVSTKTVRAKRN
;
_entity_poly.pdbx_strand_id   A
#
loop_
_chem_comp.id
_chem_comp.type
_chem_comp.name
_chem_comp.formula
NA non-polymer 'SODIUM ION' 'Na 1'
#
# COMPACT_ATOMS: atom_id res chain seq x y z
N ASN A 17 17.93 11.11 22.99
CA ASN A 17 17.41 12.49 23.24
C ASN A 17 17.74 13.40 22.05
N LEU A 18 17.84 12.85 20.85
CA LEU A 18 18.33 13.68 19.75
C LEU A 18 17.28 14.57 19.11
N TYR A 19 16.00 14.30 19.34
CA TYR A 19 14.95 15.00 18.58
C TYR A 19 14.17 15.96 19.43
N PHE A 20 13.85 17.13 18.88
CA PHE A 20 12.98 18.05 19.60
C PHE A 20 11.64 18.20 18.88
N GLN A 21 10.60 18.33 19.70
CA GLN A 21 9.22 18.58 19.24
C GLN A 21 8.90 20.06 19.08
N SER A 22 7.88 20.34 18.30
CA SER A 22 7.37 21.72 18.18
C SER A 22 6.28 22.08 19.22
N ASN A 23 5.78 21.08 19.95
CA ASN A 23 4.64 21.22 20.88
C ASN A 23 4.89 20.38 22.14
N SER A 26 2.59 15.88 22.57
CA SER A 26 1.54 15.70 21.57
C SER A 26 0.74 14.43 21.86
N GLN A 27 -0.22 14.11 21.00
CA GLN A 27 -1.06 12.91 21.17
C GLN A 27 -0.82 11.86 20.09
N TYR A 28 0.37 11.26 20.11
CA TYR A 28 0.67 10.18 19.17
C TYR A 28 0.29 8.82 19.72
N PRO A 29 -0.03 7.87 18.83
CA PRO A 29 -0.19 6.48 19.28
C PRO A 29 1.06 5.99 20.02
N ASP A 30 0.88 5.01 20.93
CA ASP A 30 2.03 4.31 21.51
C ASP A 30 2.37 3.16 20.58
N PHE A 31 3.66 2.97 20.33
CA PHE A 31 4.15 1.95 19.45
C PHE A 31 4.92 0.86 20.20
N ALA A 32 4.55 -0.38 19.91
CA ALA A 32 5.32 -1.55 20.32
C ALA A 32 6.13 -1.96 19.12
N PHE A 33 7.42 -2.18 19.36
CA PHE A 33 8.40 -2.38 18.32
C PHE A 33 9.05 -3.74 18.63
N GLU A 34 8.89 -4.74 17.76
N GLU A 34 8.94 -4.72 17.73
CA GLU A 34 9.58 -6.04 17.92
CA GLU A 34 9.51 -6.07 17.92
C GLU A 34 10.48 -6.34 16.72
C GLU A 34 10.40 -6.49 16.72
N ILE A 35 11.59 -7.00 17.01
CA ILE A 35 12.52 -7.45 15.96
C ILE A 35 12.53 -8.97 16.02
N ASN A 36 12.39 -9.57 14.84
N ASN A 36 12.23 -9.63 14.90
CA ASN A 36 12.26 -10.99 14.66
CA ASN A 36 12.34 -11.10 14.85
C ASN A 36 13.42 -11.43 13.75
C ASN A 36 13.43 -11.40 13.83
N GLN A 37 14.40 -12.18 14.26
CA GLN A 37 15.54 -12.58 13.43
C GLN A 37 16.24 -13.77 14.08
N ASN A 38 16.97 -14.52 13.27
CA ASN A 38 18.03 -15.38 13.78
C ASN A 38 19.29 -14.58 13.51
N GLU A 39 19.85 -14.00 14.56
CA GLU A 39 21.06 -13.18 14.44
C GLU A 39 22.33 -13.98 14.17
N PHE A 40 22.31 -15.29 14.41
CA PHE A 40 23.50 -16.12 14.24
C PHE A 40 23.68 -16.57 12.78
N LEU A 41 24.85 -16.24 12.27
CA LEU A 41 25.25 -16.45 10.90
C LEU A 41 26.46 -17.38 10.87
N ALA A 42 26.52 -18.25 9.85
CA ALA A 42 27.70 -19.05 9.58
C ALA A 42 28.83 -18.20 9.05
N ALA A 43 30.02 -18.78 9.05
CA ALA A 43 31.31 -18.13 8.75
C ALA A 43 31.35 -17.11 7.61
N GLY A 44 30.92 -17.49 6.41
CA GLY A 44 31.02 -16.56 5.27
C GLY A 44 29.97 -15.46 5.18
N VAL A 45 28.91 -15.57 5.98
CA VAL A 45 27.64 -14.94 5.63
C VAL A 45 27.63 -13.40 5.73
N ARG A 46 27.15 -12.77 4.65
CA ARG A 46 27.04 -11.31 4.54
C ARG A 46 25.59 -10.82 4.69
N GLU A 47 24.61 -11.70 4.51
CA GLU A 47 23.20 -11.27 4.52
C GLU A 47 22.60 -11.43 5.90
N VAL A 48 21.99 -10.36 6.38
CA VAL A 48 21.24 -10.34 7.63
C VAL A 48 19.78 -9.97 7.37
N HIS A 49 18.86 -10.84 7.77
CA HIS A 49 17.44 -10.61 7.58
C HIS A 49 16.76 -10.43 8.92
N ALA A 50 15.78 -9.51 8.97
CA ALA A 50 14.93 -9.33 10.13
C ALA A 50 13.57 -8.87 9.71
N VAL A 51 12.57 -9.26 10.51
CA VAL A 51 11.23 -8.77 10.37
C VAL A 51 10.93 -7.89 11.58
N VAL A 52 10.48 -6.68 11.31
CA VAL A 52 10.15 -5.68 12.35
C VAL A 52 8.64 -5.64 12.44
N THR A 53 8.10 -5.85 13.63
CA THR A 53 6.65 -5.75 13.84
C THR A 53 6.38 -4.46 14.59
N LEU A 54 5.50 -3.64 14.05
CA LEU A 54 5.10 -2.34 14.63
C LEU A 54 3.62 -2.33 14.92
N THR A 55 3.25 -2.11 16.17
CA THR A 55 1.86 -2.12 16.58
C THR A 55 1.59 -0.80 17.31
N ALA A 56 0.66 -0.03 16.76
CA ALA A 56 0.30 1.25 17.35
C ALA A 56 -1.01 1.10 18.10
N THR A 57 -1.05 1.62 19.32
CA THR A 57 -2.27 1.65 20.10
C THR A 57 -2.67 3.10 20.41
N ALA A 58 -3.96 3.34 20.61
CA ALA A 58 -4.44 4.66 21.07
C ALA A 58 -3.82 5.00 22.43
N SER A 76 -3.10 15.98 13.53
CA SER A 76 -4.25 16.37 14.36
C SER A 76 -5.56 16.55 13.54
N GLU A 77 -5.54 17.46 12.56
CA GLU A 77 -6.66 17.67 11.62
C GLU A 77 -6.59 16.61 10.50
N ASN A 78 -7.75 16.16 10.00
CA ASN A 78 -7.80 15.30 8.81
C ASN A 78 -8.30 16.08 7.62
N VAL A 79 -7.76 15.74 6.47
CA VAL A 79 -8.23 16.27 5.19
C VAL A 79 -8.42 15.05 4.30
N GLU A 80 -9.63 14.86 3.82
CA GLU A 80 -9.97 13.75 2.98
C GLU A 80 -10.45 14.26 1.61
N VAL A 81 -9.79 13.86 0.53
CA VAL A 81 -10.20 14.23 -0.81
C VAL A 81 -10.70 12.97 -1.55
N ILE A 82 -11.93 13.06 -2.02
CA ILE A 82 -12.56 11.94 -2.71
C ILE A 82 -12.56 12.25 -4.19
N ILE A 83 -11.90 11.40 -4.96
CA ILE A 83 -11.71 11.60 -6.39
C ILE A 83 -12.53 10.57 -7.14
N ILE A 84 -13.53 11.07 -7.87
CA ILE A 84 -14.47 10.22 -8.57
C ILE A 84 -14.34 10.36 -10.07
N ASP A 85 -14.05 9.25 -10.72
CA ASP A 85 -14.08 9.13 -12.18
C ASP A 85 -15.49 9.49 -12.67
N CYS A 86 -15.57 10.52 -13.50
CA CYS A 86 -16.85 10.93 -14.11
C CYS A 86 -16.76 10.85 -15.64
N SER A 87 -15.91 9.95 -16.12
CA SER A 87 -15.71 9.75 -17.53
C SER A 87 -16.97 9.15 -18.15
N GLY A 88 -17.04 9.21 -19.47
CA GLY A 88 -18.22 8.77 -20.21
C GLY A 88 -18.62 7.32 -19.95
N SER A 89 -17.64 6.45 -19.73
CA SER A 89 -17.98 5.02 -19.52
C SER A 89 -18.67 4.74 -18.20
N MSE A 90 -18.67 5.72 -17.28
CA MSE A 90 -19.31 5.53 -15.98
C MSE A 90 -20.81 5.36 -16.08
O MSE A 90 -21.43 4.91 -15.12
CB MSE A 90 -18.94 6.64 -15.02
CG MSE A 90 -17.52 6.58 -14.54
SE MSE A 90 -17.11 5.17 -13.28
CE MSE A 90 -18.03 5.93 -11.71
N ASP A 91 -21.41 5.65 -17.24
CA ASP A 91 -22.85 5.41 -17.45
C ASP A 91 -23.15 4.05 -18.10
N TYR A 92 -22.15 3.21 -18.26
CA TYR A 92 -22.29 1.94 -18.99
C TYR A 92 -21.65 0.78 -18.22
N PRO A 93 -22.40 0.13 -17.31
CA PRO A 93 -23.80 0.40 -16.96
C PRO A 93 -23.95 1.54 -15.97
N ARG A 94 -25.14 2.12 -15.99
CA ARG A 94 -25.48 3.27 -15.19
C ARG A 94 -25.36 3.04 -13.69
N THR A 95 -25.41 1.76 -13.28
CA THR A 95 -25.15 1.40 -11.88
C THR A 95 -23.79 1.84 -11.35
N LYS A 96 -22.79 2.03 -12.22
CA LYS A 96 -21.50 2.51 -11.78
C LYS A 96 -21.57 3.94 -11.28
N MSE A 97 -22.10 4.86 -12.09
CA MSE A 97 -22.22 6.24 -11.68
C MSE A 97 -23.14 6.37 -10.46
O MSE A 97 -22.85 7.16 -9.56
CB MSE A 97 -22.70 7.14 -12.82
CG MSE A 97 -22.75 8.64 -12.47
SE MSE A 97 -20.97 9.39 -12.04
CE MSE A 97 -20.34 9.72 -13.85
N MSE A 98 -24.21 5.61 -10.42
N MSE A 98 -24.21 5.59 -10.44
CA MSE A 98 -25.15 5.66 -9.30
CA MSE A 98 -25.17 5.62 -9.33
C MSE A 98 -24.48 5.19 -8.02
C MSE A 98 -24.49 5.18 -8.04
O MSE A 98 -24.64 5.82 -6.98
O MSE A 98 -24.66 5.83 -7.01
CB MSE A 98 -26.41 4.85 -9.57
CB MSE A 98 -26.38 4.75 -9.65
CG MSE A 98 -27.29 5.45 -10.66
CG MSE A 98 -27.23 5.29 -10.79
SE MSE A 98 -27.95 7.23 -10.23
SE MSE A 98 -28.71 4.13 -11.35
CE MSE A 98 -29.53 6.73 -9.18
CE MSE A 98 -29.82 4.35 -9.75
N ALA A 99 -23.70 4.11 -8.09
CA ALA A 99 -22.96 3.64 -6.92
C ALA A 99 -21.91 4.64 -6.47
N ALA A 100 -21.18 5.23 -7.42
CA ALA A 100 -20.16 6.23 -7.08
C ALA A 100 -20.76 7.38 -6.27
N LYS A 101 -21.95 7.83 -6.69
CA LYS A 101 -22.67 8.87 -5.98
C LYS A 101 -23.13 8.42 -4.60
N GLU A 102 -23.72 7.25 -4.53
CA GLU A 102 -24.20 6.67 -3.26
C GLU A 102 -23.03 6.54 -2.30
N ALA A 103 -21.94 5.97 -2.80
CA ALA A 103 -20.75 5.69 -1.99
C ALA A 103 -20.07 6.98 -1.49
N THR A 104 -19.99 7.98 -2.36
CA THR A 104 -19.42 9.29 -1.98
C THR A 104 -20.22 9.95 -0.90
N LYS A 105 -21.54 9.84 -0.98
CA LYS A 105 -22.40 10.35 0.07
C LYS A 105 -22.20 9.66 1.41
N VAL A 106 -22.01 8.33 1.37
CA VAL A 106 -21.68 7.56 2.57
C VAL A 106 -20.35 8.01 3.16
N ALA A 107 -19.36 8.21 2.30
CA ALA A 107 -18.07 8.72 2.77
C ALA A 107 -18.24 10.08 3.44
N ILE A 108 -19.00 10.98 2.83
CA ILE A 108 -19.21 12.32 3.42
C ILE A 108 -19.85 12.19 4.81
N ASP A 109 -20.80 11.28 4.95
CA ASP A 109 -21.48 11.06 6.22
C ASP A 109 -20.57 10.38 7.25
N THR A 110 -19.53 9.68 6.77
CA THR A 110 -18.58 9.00 7.67
C THR A 110 -17.43 9.91 8.14
N LEU A 111 -17.28 11.06 7.52
CA LEU A 111 -16.27 12.01 8.00
C LEU A 111 -16.56 12.37 9.44
N THR A 112 -15.51 12.52 10.23
CA THR A 112 -15.58 13.05 11.57
C THR A 112 -16.05 14.52 11.51
N ASP A 113 -16.94 14.90 12.40
CA ASP A 113 -17.29 16.32 12.55
C ASP A 113 -16.01 17.12 12.66
N GLY A 114 -15.89 18.18 11.86
CA GLY A 114 -14.69 19.01 11.87
C GLY A 114 -13.62 18.66 10.86
N ALA A 115 -13.66 17.45 10.28
CA ALA A 115 -12.71 17.08 9.25
C ALA A 115 -12.87 17.93 7.98
N PHE A 116 -11.75 18.35 7.39
CA PHE A 116 -11.78 19.03 6.11
C PHE A 116 -11.91 18.01 4.99
N PHE A 117 -12.55 18.39 3.90
CA PHE A 117 -12.80 17.45 2.81
C PHE A 117 -13.07 18.14 1.49
N ALA A 118 -12.87 17.40 0.41
CA ALA A 118 -13.25 17.89 -0.91
C ALA A 118 -13.64 16.71 -1.79
N VAL A 119 -14.42 17.02 -2.83
CA VAL A 119 -14.78 16.04 -3.86
C VAL A 119 -14.27 16.58 -5.21
N VAL A 120 -13.57 15.72 -5.95
CA VAL A 120 -12.98 16.07 -7.25
C VAL A 120 -13.62 15.14 -8.30
N ALA A 121 -14.15 15.73 -9.36
CA ALA A 121 -14.70 15.01 -10.49
C ALA A 121 -13.60 14.87 -11.51
N GLY A 122 -13.22 13.64 -11.80
CA GLY A 122 -12.15 13.38 -12.76
C GLY A 122 -12.61 12.97 -14.14
N THR A 123 -12.07 13.65 -15.16
CA THR A 123 -12.35 13.34 -16.53
C THR A 123 -10.99 13.43 -17.23
N GLU A 124 -10.91 14.00 -18.42
CA GLU A 124 -9.61 14.39 -18.99
C GLU A 124 -9.05 15.58 -18.19
N GLY A 125 -9.91 16.25 -17.44
CA GLY A 125 -9.49 17.29 -16.51
C GLY A 125 -9.86 16.91 -15.09
N ALA A 126 -9.79 17.89 -14.19
CA ALA A 126 -10.18 17.70 -12.82
C ALA A 126 -10.92 18.96 -12.41
N ARG A 127 -12.10 18.77 -11.81
CA ARG A 127 -12.91 19.89 -11.35
C ARG A 127 -13.22 19.66 -9.88
N VAL A 128 -13.07 20.68 -9.06
CA VAL A 128 -13.45 20.56 -7.66
C VAL A 128 -14.96 20.83 -7.58
N VAL A 129 -15.73 19.85 -7.14
CA VAL A 129 -17.17 20.09 -7.10
C VAL A 129 -17.68 20.47 -5.72
N TYR A 130 -16.92 20.16 -4.70
CA TYR A 130 -17.20 20.70 -3.37
C TYR A 130 -15.88 20.67 -2.57
N PRO A 131 -15.57 21.74 -1.83
CA PRO A 131 -16.30 22.99 -1.69
C PRO A 131 -16.12 23.84 -2.95
N THR A 132 -16.79 24.99 -3.04
CA THR A 132 -16.81 25.73 -4.30
C THR A 132 -16.04 27.06 -4.25
N GLY A 133 -15.53 27.44 -3.08
CA GLY A 133 -14.83 28.71 -2.95
C GLY A 133 -13.31 28.67 -2.84
N GLY A 134 -12.70 27.54 -3.17
CA GLY A 134 -11.26 27.45 -3.19
C GLY A 134 -10.58 27.37 -1.83
N GLN A 135 -11.37 27.03 -0.81
CA GLN A 135 -10.89 26.85 0.54
C GLN A 135 -11.60 25.68 1.20
N LEU A 136 -10.82 24.84 1.88
CA LEU A 136 -11.38 23.69 2.59
C LEU A 136 -12.34 24.15 3.68
N LEU A 137 -13.47 23.44 3.79
CA LEU A 137 -14.43 23.65 4.85
C LEU A 137 -14.62 22.39 5.71
N ARG A 138 -14.90 22.59 6.99
CA ARG A 138 -15.07 21.53 7.93
C ARG A 138 -16.40 20.85 7.75
N ALA A 139 -16.43 19.54 8.03
CA ALA A 139 -17.62 18.75 7.93
C ALA A 139 -18.55 19.07 9.07
N ASP A 140 -19.74 19.52 8.71
CA ASP A 140 -20.83 19.79 9.65
C ASP A 140 -22.15 19.58 8.92
N TYR A 141 -23.28 19.77 9.58
CA TYR A 141 -24.55 19.47 8.95
C TYR A 141 -24.71 20.15 7.59
N GLN A 142 -24.30 21.41 7.53
CA GLN A 142 -24.46 22.28 6.35
C GLN A 142 -23.53 21.91 5.19
N SER A 143 -22.24 21.76 5.48
CA SER A 143 -21.26 21.39 4.47
C SER A 143 -21.54 19.98 3.91
N ARG A 144 -21.95 19.06 4.77
CA ARG A 144 -22.25 17.68 4.32
C ARG A 144 -23.42 17.71 3.36
N ALA A 145 -24.49 18.41 3.73
CA ALA A 145 -25.66 18.48 2.85
C ALA A 145 -25.34 19.15 1.52
N ALA A 146 -24.54 20.21 1.54
CA ALA A 146 -24.16 20.93 0.32
C ALA A 146 -23.30 20.05 -0.56
N ALA A 147 -22.38 19.29 0.04
CA ALA A 147 -21.51 18.36 -0.69
C ALA A 147 -22.33 17.27 -1.36
N LYS A 148 -23.30 16.70 -0.65
CA LYS A 148 -24.14 15.67 -1.22
C LYS A 148 -24.95 16.17 -2.40
N GLU A 149 -25.44 17.41 -2.32
CA GLU A 149 -26.17 17.99 -3.46
C GLU A 149 -25.27 18.11 -4.67
N ALA A 150 -24.04 18.58 -4.48
CA ALA A 150 -23.08 18.68 -5.59
C ALA A 150 -22.78 17.29 -6.20
N VAL A 151 -22.63 16.28 -5.34
CA VAL A 151 -22.36 14.88 -5.78
C VAL A 151 -23.52 14.38 -6.62
N GLY A 152 -24.74 14.74 -6.22
CA GLY A 152 -25.93 14.36 -6.96
C GLY A 152 -25.94 14.86 -8.39
N ARG A 153 -25.25 15.97 -8.66
CA ARG A 153 -25.24 16.57 -10.00
C ARG A 153 -24.11 16.05 -10.87
N LEU A 154 -23.29 15.13 -10.36
CA LEU A 154 -22.23 14.56 -11.18
C LEU A 154 -22.88 13.83 -12.36
N HIS A 155 -22.24 13.89 -13.52
CA HIS A 155 -22.71 13.15 -14.67
C HIS A 155 -21.49 12.63 -15.45
N ALA A 156 -21.70 11.57 -16.22
CA ALA A 156 -20.63 10.88 -16.92
C ALA A 156 -20.37 11.47 -18.31
N ASN A 157 -19.15 11.88 -18.57
CA ASN A 157 -18.81 12.48 -19.82
C ASN A 157 -17.34 12.76 -19.86
N GLY A 158 -16.73 12.45 -20.98
CA GLY A 158 -15.31 12.78 -21.17
C GLY A 158 -14.35 11.63 -20.94
N GLY A 159 -13.07 11.99 -20.94
CA GLY A 159 -11.97 11.02 -20.89
C GLY A 159 -11.43 10.84 -19.49
N THR A 160 -10.17 10.41 -19.43
CA THR A 160 -9.52 9.97 -18.18
C THR A 160 -8.06 10.36 -18.18
N ALA A 161 -7.68 11.26 -17.27
CA ALA A 161 -6.28 11.67 -17.09
C ALA A 161 -6.05 11.74 -15.57
N MSE A 162 -5.68 10.59 -15.02
CA MSE A 162 -5.57 10.43 -13.57
C MSE A 162 -4.54 11.36 -12.94
O MSE A 162 -4.74 11.83 -11.83
CB MSE A 162 -5.31 8.98 -13.25
CG MSE A 162 -6.47 8.06 -13.58
SE MSE A 162 -6.06 6.27 -13.06
CE MSE A 162 -7.27 5.37 -14.34
N GLY A 163 -3.47 11.68 -13.66
CA GLY A 163 -2.48 12.58 -13.17
C GLY A 163 -3.02 13.96 -12.88
N ARG A 164 -3.98 14.39 -13.67
CA ARG A 164 -4.57 15.69 -13.49
C ARG A 164 -5.44 15.64 -12.24
N TRP A 165 -6.08 14.50 -11.97
CA TRP A 165 -6.86 14.32 -10.73
C TRP A 165 -5.93 14.42 -9.50
N LEU A 166 -4.83 13.69 -9.56
CA LEU A 166 -3.82 13.76 -8.49
C LEU A 166 -3.28 15.16 -8.30
N ALA A 167 -2.99 15.87 -9.40
CA ALA A 167 -2.45 17.24 -9.29
C ALA A 167 -3.46 18.18 -8.63
N GLN A 168 -4.74 18.07 -8.98
CA GLN A 168 -5.78 18.87 -8.32
C GLN A 168 -5.91 18.53 -6.83
N ALA A 169 -5.88 17.26 -6.49
CA ALA A 169 -5.88 16.86 -5.06
C ALA A 169 -4.70 17.49 -4.34
N GLY A 170 -3.53 17.49 -5.00
CA GLY A 170 -2.31 18.04 -4.41
C GLY A 170 -2.43 19.51 -4.11
N ARG A 171 -3.06 20.26 -5.01
CA ARG A 171 -3.33 21.68 -4.76
C ARG A 171 -4.17 21.88 -3.55
N ILE A 172 -5.19 21.04 -3.39
CA ILE A 172 -6.06 21.09 -2.19
C ILE A 172 -5.24 20.79 -0.93
N PHE A 173 -4.48 19.69 -0.96
CA PHE A 173 -3.70 19.27 0.18
C PHE A 173 -2.59 20.25 0.58
N ASP A 174 -2.03 20.97 -0.39
CA ASP A 174 -1.01 21.98 -0.09
C ASP A 174 -1.53 23.12 0.81
N THR A 175 -2.84 23.29 0.90
CA THR A 175 -3.43 24.27 1.81
C THR A 175 -3.50 23.80 3.28
N ALA A 176 -3.07 22.59 3.56
CA ALA A 176 -3.14 22.04 4.92
C ALA A 176 -1.89 21.21 5.23
N PRO A 177 -0.72 21.87 5.29
CA PRO A 177 0.56 21.19 5.43
C PRO A 177 0.74 20.25 6.64
N SER A 178 0.11 20.55 7.77
CA SER A 178 0.29 19.70 8.97
C SER A 178 -0.83 18.70 9.20
N ALA A 179 -1.77 18.60 8.26
CA ALA A 179 -2.90 17.71 8.39
C ALA A 179 -2.55 16.26 8.03
N ILE A 180 -3.40 15.35 8.46
CA ILE A 180 -3.38 13.97 8.02
C ILE A 180 -4.19 13.93 6.75
N LYS A 181 -3.51 13.66 5.65
CA LYS A 181 -4.03 13.90 4.30
C LYS A 181 -4.19 12.58 3.53
N HIS A 182 -5.41 12.29 3.08
CA HIS A 182 -5.71 11.03 2.42
C HIS A 182 -6.68 11.25 1.29
N ALA A 183 -6.47 10.55 0.18
CA ALA A 183 -7.36 10.59 -0.98
C ALA A 183 -7.92 9.18 -1.26
N ILE A 184 -9.19 9.14 -1.66
CA ILE A 184 -9.83 7.96 -2.20
C ILE A 184 -9.97 8.20 -3.70
N LEU A 185 -9.48 7.27 -4.51
CA LEU A 185 -9.56 7.38 -5.97
C LEU A 185 -10.36 6.20 -6.52
N LEU A 186 -11.39 6.51 -7.32
CA LEU A 186 -12.24 5.50 -7.93
C LEU A 186 -12.21 5.66 -9.43
N THR A 187 -11.99 4.57 -10.16
CA THR A 187 -12.02 4.58 -11.61
C THR A 187 -12.64 3.32 -12.18
N ASP A 188 -13.15 3.42 -13.40
CA ASP A 188 -13.61 2.25 -14.15
C ASP A 188 -12.82 2.02 -15.44
N GLY A 189 -11.72 2.71 -15.61
CA GLY A 189 -11.04 2.62 -16.90
C GLY A 189 -9.55 2.85 -16.89
N LYS A 190 -8.98 2.73 -18.07
CA LYS A 190 -7.55 2.95 -18.25
C LYS A 190 -7.26 4.44 -18.42
N ASP A 191 -6.02 4.82 -18.10
CA ASP A 191 -5.59 6.21 -18.09
C ASP A 191 -5.29 6.74 -19.49
N GLU A 192 -6.26 6.64 -20.38
CA GLU A 192 -6.02 6.83 -21.80
C GLU A 192 -5.80 8.25 -22.33
N SER A 193 -6.15 9.29 -21.57
CA SER A 193 -6.07 10.67 -22.05
C SER A 193 -4.77 11.41 -21.69
N GLU A 194 -3.81 10.69 -21.10
CA GLU A 194 -2.48 11.23 -20.84
C GLU A 194 -1.47 10.11 -21.04
N THR A 195 -0.19 10.46 -21.12
CA THR A 195 0.87 9.46 -21.23
C THR A 195 1.28 8.85 -19.87
N PRO A 196 1.91 7.67 -19.89
CA PRO A 196 2.41 7.13 -18.65
C PRO A 196 3.44 8.03 -17.98
N ALA A 197 4.23 8.75 -18.76
CA ALA A 197 5.16 9.71 -18.18
C ALA A 197 4.41 10.87 -17.49
N ASP A 198 3.27 11.30 -18.05
CA ASP A 198 2.43 12.30 -17.38
C ASP A 198 1.91 11.84 -16.01
N LEU A 199 1.44 10.61 -15.96
CA LEU A 199 0.97 10.01 -14.71
C LEU A 199 2.14 9.95 -13.72
N ALA A 200 3.31 9.52 -14.21
CA ALA A 200 4.46 9.35 -13.34
C ALA A 200 4.88 10.68 -12.72
N ARG A 201 4.84 11.75 -13.52
N ARG A 201 4.86 11.76 -13.51
CA ARG A 201 5.14 13.10 -13.07
CA ARG A 201 5.14 13.10 -13.00
C ARG A 201 4.20 13.55 -11.94
C ARG A 201 4.19 13.45 -11.87
N ALA A 202 2.90 13.26 -12.07
CA ALA A 202 1.89 13.58 -11.05
C ALA A 202 2.05 12.74 -9.78
N ILE A 203 2.37 11.46 -9.96
CA ILE A 203 2.67 10.59 -8.82
C ILE A 203 3.87 11.13 -8.04
N GLN A 204 4.96 11.48 -8.72
CA GLN A 204 6.15 11.95 -8.03
C GLN A 204 5.86 13.25 -7.25
N SER A 205 5.06 14.14 -7.84
N SER A 205 5.05 14.13 -7.85
CA SER A 205 4.69 15.39 -7.19
CA SER A 205 4.68 15.38 -7.21
C SER A 205 3.79 15.18 -5.97
C SER A 205 3.80 15.17 -5.98
N SER A 206 3.08 14.05 -5.94
CA SER A 206 2.16 13.70 -4.84
C SER A 206 2.88 13.05 -3.66
N ILE A 207 3.97 12.35 -3.95
CA ILE A 207 4.72 11.60 -2.91
C ILE A 207 5.06 12.53 -1.74
N GLY A 208 4.68 12.10 -0.55
CA GLY A 208 4.98 12.83 0.67
C GLY A 208 3.91 13.86 1.00
N ASN A 209 2.99 14.12 0.07
CA ASN A 209 1.95 15.12 0.29
C ASN A 209 0.67 14.50 0.84
N PHE A 210 0.25 13.36 0.30
CA PHE A 210 -0.94 12.67 0.80
C PHE A 210 -0.78 11.19 0.54
N THR A 211 -1.54 10.38 1.24
CA THR A 211 -1.61 8.97 0.94
C THR A 211 -2.87 8.73 0.15
N ALA A 212 -2.98 7.60 -0.53
CA ALA A 212 -4.14 7.36 -1.42
C ALA A 212 -4.47 5.91 -1.49
N ASP A 213 -5.76 5.59 -1.47
CA ASP A 213 -6.23 4.23 -1.69
C ASP A 213 -7.09 4.28 -2.91
N CYS A 214 -6.94 3.28 -3.76
CA CYS A 214 -7.54 3.28 -5.07
C CYS A 214 -8.50 2.10 -5.23
N ARG A 215 -9.59 2.33 -5.94
CA ARG A 215 -10.56 1.29 -6.26
C ARG A 215 -10.88 1.33 -7.74
N GLY A 216 -10.88 0.15 -8.34
CA GLY A 216 -11.33 -0.03 -9.71
C GLY A 216 -12.62 -0.77 -9.77
N ILE A 217 -13.63 -0.16 -10.43
CA ILE A 217 -14.94 -0.76 -10.56
C ILE A 217 -15.09 -1.40 -11.96
N GLY A 218 -15.65 -2.62 -11.98
CA GLY A 218 -15.75 -3.39 -13.21
C GLY A 218 -14.43 -4.02 -13.65
N GLU A 219 -14.34 -4.30 -14.95
CA GLU A 219 -13.26 -5.12 -15.49
C GLU A 219 -12.42 -4.42 -16.56
N ASP A 220 -12.65 -3.12 -16.81
CA ASP A 220 -12.02 -2.48 -17.96
C ASP A 220 -10.89 -1.51 -17.60
N TRP A 221 -10.39 -1.62 -16.38
CA TRP A 221 -9.30 -0.77 -15.91
C TRP A 221 -8.04 -1.65 -15.82
N GLU A 222 -6.92 -1.04 -15.44
CA GLU A 222 -5.65 -1.73 -15.45
C GLU A 222 -5.05 -1.79 -14.05
N PRO A 223 -4.97 -3.00 -13.45
CA PRO A 223 -4.40 -3.17 -12.12
C PRO A 223 -3.01 -2.54 -11.94
N LYS A 224 -2.14 -2.66 -12.95
CA LYS A 224 -0.82 -2.06 -12.92
C LYS A 224 -0.79 -0.54 -12.74
N GLU A 225 -1.76 0.16 -13.32
CA GLU A 225 -1.89 1.61 -13.19
C GLU A 225 -2.27 2.01 -11.79
N LEU A 226 -3.30 1.42 -11.25
CA LEU A 226 -3.70 1.75 -9.92
C LEU A 226 -2.63 1.32 -8.90
N ARG A 227 -1.99 0.19 -9.13
CA ARG A 227 -0.93 -0.24 -8.24
C ARG A 227 0.21 0.76 -8.22
N LYS A 228 0.54 1.30 -9.36
CA LYS A 228 1.57 2.31 -9.44
C LYS A 228 1.22 3.52 -8.53
N ILE A 229 -0.02 3.97 -8.63
CA ILE A 229 -0.45 5.10 -7.79
C ILE A 229 -0.46 4.73 -6.30
N ALA A 230 -1.14 3.63 -5.98
CA ALA A 230 -1.31 3.24 -4.56
C ALA A 230 0.02 2.89 -3.88
N ASP A 231 0.87 2.12 -4.54
CA ASP A 231 2.19 1.82 -3.94
C ASP A 231 3.00 3.10 -3.64
N ALA A 232 3.04 4.05 -4.59
CA ALA A 232 3.80 5.29 -4.44
C ALA A 232 3.24 6.14 -3.30
N LEU A 233 1.92 6.10 -3.16
CA LEU A 233 1.20 6.89 -2.17
C LEU A 233 0.75 6.08 -0.95
N LEU A 234 1.46 4.99 -0.67
CA LEU A 234 1.34 4.27 0.60
C LEU A 234 -0.04 3.73 0.90
N GLY A 235 -0.73 3.27 -0.13
CA GLY A 235 -2.04 2.70 0.04
C GLY A 235 -2.22 1.42 -0.75
N THR A 236 -3.47 0.99 -0.86
CA THR A 236 -3.79 -0.29 -1.50
C THR A 236 -4.77 -0.08 -2.62
N VAL A 237 -4.85 -1.12 -3.47
CA VAL A 237 -5.83 -1.19 -4.52
C VAL A 237 -6.86 -2.26 -4.18
N GLY A 238 -8.10 -2.01 -4.55
CA GLY A 238 -9.17 -2.99 -4.44
C GLY A 238 -9.99 -2.97 -5.71
N ILE A 239 -10.63 -4.11 -5.97
CA ILE A 239 -11.52 -4.23 -7.10
C ILE A 239 -12.95 -4.30 -6.59
N ILE A 240 -13.87 -3.67 -7.32
CA ILE A 240 -15.28 -3.69 -6.99
C ILE A 240 -15.96 -4.36 -8.17
N ARG A 241 -16.21 -5.65 -8.01
CA ARG A 241 -16.85 -6.44 -9.10
C ARG A 241 -18.34 -6.21 -9.20
N ASP A 242 -18.94 -5.83 -8.08
CA ASP A 242 -20.37 -5.58 -7.94
C ASP A 242 -20.57 -4.17 -7.38
N PRO A 243 -21.11 -3.24 -8.18
CA PRO A 243 -21.30 -1.87 -7.74
C PRO A 243 -22.07 -1.70 -6.44
N ALA A 244 -22.89 -2.69 -6.11
CA ALA A 244 -23.69 -2.61 -4.88
C ALA A 244 -22.83 -2.67 -3.61
N THR A 245 -21.58 -3.11 -3.71
CA THR A 245 -20.69 -3.17 -2.55
C THR A 245 -19.86 -1.88 -2.35
N LEU A 246 -19.95 -0.93 -3.28
CA LEU A 246 -19.06 0.23 -3.21
C LEU A 246 -19.30 1.09 -1.97
N ALA A 247 -20.55 1.30 -1.60
CA ALA A 247 -20.86 2.16 -0.46
C ALA A 247 -20.18 1.67 0.81
N GLU A 248 -20.27 0.38 1.11
CA GLU A 248 -19.66 -0.13 2.34
C GLU A 248 -18.14 -0.07 2.27
N ASP A 249 -17.60 -0.25 1.08
CA ASP A 249 -16.18 -0.13 0.86
C ASP A 249 -15.71 1.31 1.17
N PHE A 250 -16.41 2.30 0.60
CA PHE A 250 -16.13 3.70 0.91
C PHE A 250 -16.29 4.00 2.40
N ARG A 251 -17.32 3.46 3.05
CA ARG A 251 -17.51 3.66 4.48
C ARG A 251 -16.29 3.24 5.25
N GLU A 252 -15.81 2.02 4.98
CA GLU A 252 -14.69 1.48 5.75
C GLU A 252 -13.38 2.22 5.44
N MSE A 253 -13.13 2.59 4.18
CA MSE A 253 -11.92 3.39 3.87
C MSE A 253 -11.95 4.74 4.60
O MSE A 253 -10.93 5.17 5.18
CB MSE A 253 -11.76 3.68 2.37
CG MSE A 253 -11.09 2.60 1.58
SE MSE A 253 -10.83 3.26 -0.28
CE MSE A 253 -12.72 3.26 -0.73
N THR A 254 -13.12 5.39 4.63
CA THR A 254 -13.21 6.68 5.31
C THR A 254 -13.03 6.53 6.82
N ALA A 255 -13.67 5.53 7.42
CA ALA A 255 -13.52 5.28 8.84
C ALA A 255 -12.09 5.00 9.23
N LYS A 256 -11.41 4.17 8.47
CA LYS A 256 -10.00 3.91 8.78
C LYS A 256 -9.16 5.18 8.67
N SER A 257 -9.44 6.01 7.68
CA SER A 257 -8.75 7.26 7.54
C SER A 257 -9.02 8.18 8.75
N MSE A 258 -10.25 8.21 9.24
CA MSE A 258 -10.57 9.06 10.37
C MSE A 258 -9.92 8.55 11.66
O MSE A 258 -9.78 9.32 12.61
CB MSE A 258 -12.09 9.15 10.58
CG MSE A 258 -12.83 9.87 9.45
SE MSE A 258 -12.19 11.72 9.15
CE MSE A 258 -11.19 11.50 7.43
N GLY A 259 -9.54 7.27 11.69
CA GLY A 259 -8.81 6.69 12.84
C GLY A 259 -7.36 7.07 12.97
N LYS A 260 -6.78 7.66 11.93
CA LYS A 260 -5.37 8.02 11.96
C LYS A 260 -5.14 9.12 12.99
N GLU A 261 -4.02 9.04 13.70
CA GLU A 261 -3.71 10.01 14.75
C GLU A 261 -2.36 10.72 14.58
N VAL A 262 -1.55 10.26 13.65
CA VAL A 262 -0.25 10.85 13.40
C VAL A 262 -0.03 10.79 11.92
N ALA A 263 0.42 11.91 11.35
CA ALA A 263 0.39 12.11 9.90
C ALA A 263 1.53 11.54 9.06
N ASP A 264 2.76 11.57 9.57
CA ASP A 264 3.95 11.34 8.76
C ASP A 264 5.05 10.68 9.57
N VAL A 265 5.13 9.37 9.42
CA VAL A 265 6.05 8.57 10.21
C VAL A 265 7.08 7.91 9.31
N ALA A 266 8.36 8.08 9.63
CA ALA A 266 9.45 7.51 8.87
C ALA A 266 10.01 6.30 9.62
N LEU A 267 10.32 5.28 8.85
CA LEU A 267 11.15 4.18 9.31
C LEU A 267 12.57 4.59 8.94
N ARG A 268 13.36 4.92 9.96
CA ARG A 268 14.68 5.46 9.84
C ARG A 268 15.70 4.37 10.11
N LEU A 269 16.51 4.06 9.11
N LEU A 269 16.49 4.04 9.10
CA LEU A 269 17.41 2.90 9.14
CA LEU A 269 17.43 2.92 9.18
C LEU A 269 18.87 3.34 9.05
C LEU A 269 18.86 3.40 9.09
N TRP A 270 19.65 3.02 10.08
CA TRP A 270 21.07 3.27 10.12
C TRP A 270 21.73 1.91 9.90
N ALA A 271 22.83 1.90 9.16
CA ALA A 271 23.63 0.70 9.00
C ALA A 271 25.08 1.14 8.95
N PRO A 272 26.00 0.36 9.55
CA PRO A 272 27.38 0.83 9.67
C PRO A 272 28.11 0.95 8.33
N LYS A 273 29.26 1.63 8.34
CA LYS A 273 30.07 1.82 7.12
C LYS A 273 30.33 0.50 6.42
N GLY A 274 30.12 0.46 5.11
CA GLY A 274 30.35 -0.75 4.35
C GLY A 274 29.12 -1.64 4.25
N ALA A 275 28.25 -1.57 5.27
CA ALA A 275 26.97 -2.29 5.24
C ALA A 275 26.04 -1.53 4.33
N THR A 276 25.30 -2.27 3.53
CA THR A 276 24.28 -1.70 2.65
C THR A 276 22.91 -2.39 2.78
N ILE A 277 21.88 -1.60 2.51
CA ILE A 277 20.50 -2.07 2.58
C ILE A 277 20.11 -2.77 1.30
N ARG A 278 19.85 -4.06 1.40
CA ARG A 278 19.44 -4.81 0.22
C ARG A 278 18.01 -4.43 -0.07
N TYR A 279 17.16 -4.49 0.95
CA TYR A 279 15.77 -4.09 0.79
C TYR A 279 15.06 -3.79 2.09
N VAL A 280 14.05 -2.92 1.99
CA VAL A 280 13.11 -2.62 3.02
C VAL A 280 11.71 -2.83 2.40
N LYS A 281 10.94 -3.80 2.91
CA LYS A 281 9.64 -4.10 2.33
C LYS A 281 8.59 -4.12 3.43
N GLN A 282 7.45 -3.48 3.22
CA GLN A 282 6.28 -3.77 4.04
C GLN A 282 5.83 -5.16 3.61
N VAL A 283 5.58 -6.05 4.56
CA VAL A 283 5.12 -7.41 4.23
C VAL A 283 3.77 -7.78 4.82
N SER A 284 3.29 -6.97 5.77
CA SER A 284 1.97 -7.16 6.35
C SER A 284 1.38 -5.79 6.71
N PRO A 285 0.08 -5.60 6.41
CA PRO A 285 -0.90 -6.52 5.81
C PRO A 285 -0.82 -6.69 4.31
N ASN A 286 0.06 -5.95 3.67
CA ASN A 286 0.24 -5.95 2.24
C ASN A 286 1.69 -5.88 1.95
N LEU A 287 2.07 -6.40 0.79
CA LEU A 287 3.44 -6.33 0.31
C LEU A 287 3.61 -5.02 -0.43
N ALA A 288 4.57 -4.23 0.00
CA ALA A 288 4.94 -3.00 -0.68
C ALA A 288 6.46 -2.83 -0.52
N ASP A 289 7.20 -2.89 -1.62
CA ASP A 289 8.65 -2.71 -1.59
C ASP A 289 8.95 -1.22 -1.44
N LEU A 290 9.57 -0.85 -0.33
CA LEU A 290 9.91 0.58 -0.07
C LEU A 290 11.34 0.95 -0.48
N SER A 291 12.08 -0.03 -1.00
CA SER A 291 13.53 0.13 -1.25
C SER A 291 13.87 1.35 -2.10
N GLY A 292 13.04 1.62 -3.11
CA GLY A 292 13.27 2.75 -4.00
C GLY A 292 12.79 4.11 -3.45
N MSE A 293 12.20 4.10 -2.26
CA MSE A 293 11.64 5.29 -1.65
C MSE A 293 12.56 5.91 -0.63
O MSE A 293 12.19 6.92 0.00
CB MSE A 293 10.31 4.94 -0.97
CG MSE A 293 9.39 4.16 -1.82
SE MSE A 293 7.74 3.97 -0.77
CE MSE A 293 6.71 2.81 -1.98
N ARG A 294 13.78 5.36 -0.49
CA ARG A 294 14.70 5.85 0.51
C ARG A 294 14.97 7.35 0.34
N VAL A 295 14.85 8.07 1.45
CA VAL A 295 15.17 9.48 1.50
C VAL A 295 16.47 9.61 2.32
N PRO A 296 17.55 10.09 1.70
CA PRO A 296 18.80 10.22 2.41
C PRO A 296 18.64 11.10 3.65
N GLY A 297 19.21 10.65 4.76
CA GLY A 297 19.21 11.41 5.99
C GLY A 297 20.40 12.37 6.04
N ASP A 298 20.58 13.00 7.20
CA ASP A 298 21.75 13.85 7.51
C ASP A 298 23.12 13.31 6.99
N ASN A 299 23.31 12.00 7.06
CA ASN A 299 24.54 11.35 6.53
C ASN A 299 24.22 10.08 5.72
N PRO A 300 25.21 9.56 4.94
CA PRO A 300 24.98 8.35 4.11
C PRO A 300 24.64 7.06 4.87
N LEU A 301 24.92 7.03 6.18
CA LEU A 301 24.66 5.84 6.95
C LEU A 301 23.20 5.74 7.34
N THR A 302 22.41 6.81 7.14
CA THR A 302 21.02 6.79 7.60
C THR A 302 20.09 7.20 6.48
N GLY A 303 19.00 6.45 6.33
CA GLY A 303 17.97 6.79 5.35
C GLY A 303 16.60 6.59 5.90
N ASP A 304 15.63 7.35 5.37
CA ASP A 304 14.25 7.27 5.81
C ASP A 304 13.40 6.57 4.74
N TYR A 305 12.52 5.72 5.19
CA TYR A 305 11.55 5.03 4.36
C TYR A 305 10.18 5.43 4.86
N PRO A 306 9.37 6.01 3.97
CA PRO A 306 8.07 6.51 4.43
C PRO A 306 7.04 5.45 4.79
N THR A 307 6.35 5.66 5.89
CA THR A 307 5.22 4.81 6.29
C THR A 307 3.88 5.55 6.39
N GLY A 308 3.87 6.86 6.23
CA GLY A 308 2.62 7.60 6.19
C GLY A 308 1.99 7.80 7.55
N ALA A 309 0.68 7.72 7.58
CA ALA A 309 -0.09 8.00 8.78
C ALA A 309 -0.45 6.71 9.50
N TRP A 310 -0.56 6.80 10.82
CA TRP A 310 -0.91 5.65 11.65
C TRP A 310 -2.07 5.92 12.56
N GLY A 311 -2.92 4.89 12.71
CA GLY A 311 -4.00 4.87 13.67
C GLY A 311 -3.71 3.73 14.63
N ALA A 312 -4.75 2.99 15.02
CA ALA A 312 -4.58 1.81 15.84
C ALA A 312 -4.49 0.64 14.87
N GLU A 313 -3.27 0.18 14.67
CA GLU A 313 -2.98 -0.77 13.62
C GLU A 313 -1.66 -1.47 13.83
N SER A 314 -1.40 -2.44 12.96
CA SER A 314 -0.15 -3.19 13.04
C SER A 314 0.34 -3.49 11.67
N ARG A 315 1.64 -3.35 11.48
CA ARG A 315 2.33 -3.64 10.23
C ARG A 315 3.62 -4.43 10.50
N GLU A 316 4.08 -5.17 9.49
CA GLU A 316 5.38 -5.86 9.58
C GLU A 316 6.18 -5.50 8.35
N TYR A 317 7.49 -5.34 8.58
CA TYR A 317 8.48 -5.02 7.55
C TYR A 317 9.60 -6.05 7.52
N HIS A 318 10.11 -6.31 6.32
CA HIS A 318 11.18 -7.26 6.16
C HIS A 318 12.35 -6.44 5.68
N ILE A 319 13.43 -6.43 6.46
CA ILE A 319 14.65 -5.70 6.12
C ILE A 319 15.80 -6.66 5.90
N CYS A 320 16.58 -6.44 4.86
CA CYS A 320 17.73 -7.27 4.61
C CYS A 320 18.92 -6.35 4.47
N VAL A 321 19.96 -6.57 5.27
CA VAL A 321 21.17 -5.75 5.22
C VAL A 321 22.34 -6.63 4.83
N GLU A 322 23.17 -6.15 3.92
CA GLU A 322 24.39 -6.87 3.57
C GLU A 322 25.50 -6.23 4.35
N VAL A 323 26.23 -7.04 5.11
CA VAL A 323 27.25 -6.50 6.01
C VAL A 323 28.58 -7.14 5.70
N GLU A 324 29.65 -6.41 6.00
CA GLU A 324 31.00 -6.96 5.96
C GLU A 324 31.11 -8.00 7.10
N PRO A 325 31.43 -9.27 6.76
CA PRO A 325 31.37 -10.30 7.78
C PRO A 325 32.42 -10.10 8.86
N GLY A 326 32.00 -10.31 10.10
CA GLY A 326 32.90 -10.28 11.23
C GLY A 326 33.54 -11.63 11.43
N ASN A 327 34.40 -11.72 12.43
CA ASN A 327 35.06 -12.98 12.74
C ASN A 327 34.09 -13.84 13.51
N ILE A 328 34.35 -15.15 13.55
CA ILE A 328 33.63 -16.06 14.41
C ILE A 328 33.80 -15.55 15.85
N GLY A 329 32.69 -15.51 16.59
CA GLY A 329 32.66 -14.98 17.95
C GLY A 329 32.27 -13.51 18.02
N GLN A 330 32.38 -12.79 16.90
CA GLN A 330 32.17 -11.34 16.90
C GLN A 330 30.72 -11.02 16.59
N GLU A 331 30.21 -10.00 17.28
CA GLU A 331 28.91 -9.46 17.03
C GLU A 331 29.03 -8.07 16.45
N LYS A 332 28.20 -7.79 15.44
CA LYS A 332 28.03 -6.45 14.90
C LYS A 332 26.57 -6.01 15.03
N LEU A 333 26.36 -4.70 15.11
CA LEU A 333 25.05 -4.14 14.86
C LEU A 333 24.96 -4.00 13.34
N ALA A 334 24.04 -4.72 12.71
CA ALA A 334 23.86 -4.66 11.27
C ALA A 334 22.98 -3.48 10.93
N GLY A 335 22.06 -3.15 11.83
CA GLY A 335 21.18 -1.99 11.61
C GLY A 335 20.49 -1.53 12.87
N ARG A 336 20.20 -0.24 12.89
CA ARG A 336 19.40 0.36 13.93
C ARG A 336 18.16 0.92 13.24
N VAL A 337 17.00 0.58 13.74
CA VAL A 337 15.76 1.01 13.15
C VAL A 337 15.08 1.91 14.15
N GLN A 338 14.65 3.09 13.70
CA GLN A 338 13.88 4.00 14.52
C GLN A 338 12.59 4.30 13.77
N LEU A 339 11.52 4.55 14.52
CA LEU A 339 10.29 5.08 13.94
C LEU A 339 10.20 6.51 14.42
N VAL A 340 10.09 7.46 13.49
CA VAL A 340 10.13 8.89 13.81
C VAL A 340 8.97 9.64 13.21
N ALA A 341 8.23 10.31 14.06
CA ALA A 341 7.11 11.14 13.60
C ALA A 341 7.66 12.50 13.32
N LYS A 342 7.35 13.03 12.14
CA LYS A 342 7.70 14.40 11.79
C LYS A 342 6.46 15.29 11.80
N ASP A 343 6.55 16.45 12.46
CA ASP A 343 5.38 17.29 12.71
C ASP A 343 5.79 18.74 12.95
N ALA A 344 5.39 19.63 12.05
CA ALA A 344 5.53 21.07 12.24
C ALA A 344 6.92 21.56 12.69
N GLY A 345 7.97 21.20 11.96
CA GLY A 345 9.33 21.62 12.34
C GLY A 345 9.93 20.90 13.53
N GLY A 346 9.38 19.75 13.87
CA GLY A 346 9.94 18.95 14.93
C GLY A 346 9.83 17.49 14.61
N ALA A 347 10.32 16.68 15.52
CA ALA A 347 10.25 15.23 15.38
C ALA A 347 10.20 14.58 16.73
N THR A 348 9.63 13.38 16.73
CA THR A 348 9.49 12.55 17.92
C THR A 348 9.85 11.10 17.64
N LEU A 349 10.75 10.55 18.44
CA LEU A 349 11.11 9.14 18.38
C LEU A 349 10.01 8.29 19.01
N LEU A 350 9.38 7.45 18.20
CA LEU A 350 8.25 6.63 18.64
C LEU A 350 8.67 5.24 19.11
N GLY A 351 9.84 4.80 18.66
CA GLY A 351 10.38 3.48 19.00
C GLY A 351 11.67 3.18 18.27
N GLU A 352 12.35 2.12 18.71
CA GLU A 352 13.64 1.77 18.17
C GLU A 352 13.90 0.29 18.40
N GLY A 353 14.66 -0.30 17.50
CA GLY A 353 15.10 -1.67 17.64
C GLY A 353 16.41 -1.87 16.93
N LYS A 354 17.07 -2.99 17.23
CA LYS A 354 18.38 -3.27 16.69
C LYS A 354 18.34 -4.56 15.88
N ILE A 355 19.06 -4.55 14.76
CA ILE A 355 19.24 -5.73 13.92
C ILE A 355 20.69 -6.17 14.13
N ARG A 356 20.86 -7.33 14.73
CA ARG A 356 22.18 -7.82 15.13
C ARG A 356 22.73 -8.88 14.19
N ALA A 357 24.05 -9.04 14.23
CA ALA A 357 24.72 -10.07 13.46
C ALA A 357 25.84 -10.65 14.31
N VAL A 358 25.78 -11.96 14.54
CA VAL A 358 26.76 -12.67 15.36
C VAL A 358 27.26 -13.86 14.55
N TRP A 359 28.56 -13.92 14.27
CA TRP A 359 29.09 -15.05 13.52
C TRP A 359 29.50 -16.18 14.47
N THR A 360 29.10 -17.40 14.11
CA THR A 360 29.36 -18.55 14.95
C THR A 360 29.62 -19.78 14.07
N GLU A 361 30.32 -20.77 14.62
CA GLU A 361 30.45 -22.09 13.99
C GLU A 361 29.47 -23.12 14.60
N ASP A 362 28.73 -22.73 15.63
CA ASP A 362 27.67 -23.59 16.15
C ASP A 362 26.50 -23.63 15.16
N THR A 363 26.45 -24.69 14.34
CA THR A 363 25.43 -24.85 13.30
C THR A 363 24.03 -25.06 13.84
N ASP A 364 23.93 -25.52 15.08
CA ASP A 364 22.62 -25.58 15.73
C ASP A 364 22.08 -24.16 15.94
N LEU A 365 22.96 -23.18 16.10
CA LEU A 365 22.48 -21.80 16.15
C LEU A 365 22.25 -21.17 14.77
N SER A 366 23.17 -21.36 13.83
CA SER A 366 23.10 -20.65 12.55
C SER A 366 22.08 -21.26 11.57
N THR A 367 21.87 -22.57 11.62
CA THR A 367 20.95 -23.20 10.67
C THR A 367 19.46 -22.98 11.00
N ARG A 368 19.17 -22.50 12.21
CA ARG A 368 17.79 -22.24 12.61
C ARG A 368 17.16 -21.27 11.63
N ILE A 369 15.92 -21.57 11.25
CA ILE A 369 15.19 -20.81 10.27
C ILE A 369 14.32 -19.84 11.04
N ASN A 370 14.48 -18.52 10.87
CA ASN A 370 13.56 -17.62 11.59
C ASN A 370 12.24 -17.76 10.90
N GLY A 371 11.22 -18.14 11.66
CA GLY A 371 9.93 -18.47 11.09
C GLY A 371 9.28 -17.29 10.40
N ARG A 372 9.41 -16.09 10.97
CA ARG A 372 8.79 -14.91 10.39
C ARG A 372 9.49 -14.47 9.08
N VAL A 373 10.83 -14.43 9.09
CA VAL A 373 11.62 -14.17 7.87
C VAL A 373 11.27 -15.18 6.75
N ALA A 374 11.28 -16.48 7.06
CA ALA A 374 10.93 -17.48 6.05
C ALA A 374 9.53 -17.26 5.50
N HIS A 375 8.57 -17.07 6.41
CA HIS A 375 7.20 -16.85 6.03
C HIS A 375 7.06 -15.69 5.03
N TYR A 376 7.62 -14.53 5.37
CA TYR A 376 7.41 -13.35 4.55
C TYR A 376 8.26 -13.34 3.28
N THR A 377 9.36 -14.08 3.30
CA THR A 377 10.13 -14.34 2.09
C THR A 377 9.24 -15.08 1.11
N GLY A 378 8.55 -16.10 1.59
CA GLY A 378 7.57 -16.84 0.79
C GLY A 378 6.39 -15.99 0.29
N GLN A 379 5.85 -15.14 1.16
CA GLN A 379 4.75 -14.23 0.75
C GLN A 379 5.17 -13.31 -0.39
N ALA A 380 6.39 -12.75 -0.35
CA ALA A 380 6.85 -11.94 -1.48
C ALA A 380 7.00 -12.77 -2.76
N GLU A 381 7.54 -13.98 -2.65
CA GLU A 381 7.71 -14.87 -3.79
C GLU A 381 6.36 -15.21 -4.43
N MSE A 382 5.40 -15.50 -3.57
CA MSE A 382 4.05 -15.84 -3.97
C MSE A 382 3.38 -14.71 -4.74
O MSE A 382 2.78 -14.95 -5.80
CB MSE A 382 3.23 -16.19 -2.71
CG MSE A 382 1.80 -16.56 -2.99
SE MSE A 382 0.67 -16.54 -1.38
CE MSE A 382 0.75 -14.58 -1.07
N ALA A 383 3.49 -13.49 -4.25
CA ALA A 383 2.88 -12.36 -4.92
C ALA A 383 3.44 -12.21 -6.34
N ALA A 384 4.76 -12.33 -6.46
CA ALA A 384 5.40 -12.23 -7.78
C ALA A 384 4.98 -13.35 -8.73
N ALA A 385 4.91 -14.57 -8.20
CA ALA A 385 4.46 -15.74 -8.97
C ALA A 385 3.02 -15.59 -9.46
N ILE A 386 2.14 -15.07 -8.62
CA ILE A 386 0.77 -14.81 -9.06
C ILE A 386 0.73 -13.84 -10.24
N GLN A 387 1.41 -12.72 -10.10
CA GLN A 387 1.37 -11.68 -11.12
C GLN A 387 1.96 -12.19 -12.42
N GLU A 388 3.07 -12.91 -12.32
CA GLU A 388 3.79 -13.38 -13.49
C GLU A 388 2.98 -14.49 -14.18
N GLY A 389 2.32 -15.33 -13.38
CA GLY A 389 1.50 -16.41 -13.87
C GLY A 389 0.28 -15.91 -14.62
N LEU A 390 -0.39 -14.92 -14.02
CA LEU A 390 -1.56 -14.31 -14.63
C LEU A 390 -1.19 -13.62 -15.93
N ASP A 391 -0.07 -12.91 -15.97
N ASP A 391 -0.07 -12.92 -15.96
CA ASP A 391 0.36 -12.24 -17.20
CA ASP A 391 0.39 -12.25 -17.17
C ASP A 391 0.66 -13.22 -18.33
C ASP A 391 0.61 -13.25 -18.31
N ALA A 392 1.29 -14.34 -17.99
CA ALA A 392 1.54 -15.43 -18.95
C ALA A 392 0.24 -16.02 -19.44
N GLN A 393 -0.71 -16.29 -18.53
CA GLN A 393 -1.98 -16.89 -18.90
C GLN A 393 -2.76 -16.01 -19.88
N ALA A 394 -2.76 -14.70 -19.62
CA ALA A 394 -3.49 -13.75 -20.42
C ALA A 394 -3.00 -13.78 -21.86
N ALA A 395 -1.72 -14.01 -22.02
CA ALA A 395 -1.09 -14.08 -23.33
C ALA A 395 -1.20 -15.45 -24.00
N GLY A 396 -1.77 -16.45 -23.33
CA GLY A 396 -1.79 -17.84 -23.86
C GLY A 396 -0.45 -18.57 -23.68
N ASP A 397 0.41 -18.03 -22.83
CA ASP A 397 1.70 -18.68 -22.54
C ASP A 397 1.47 -19.67 -21.40
N LEU A 398 0.78 -20.75 -21.70
CA LEU A 398 0.16 -21.56 -20.64
C LEU A 398 1.14 -22.40 -19.84
N ASP A 399 2.19 -22.93 -20.45
CA ASP A 399 3.15 -23.73 -19.68
C ASP A 399 3.89 -22.85 -18.65
N THR A 400 4.21 -21.61 -19.03
CA THR A 400 4.79 -20.66 -18.10
C THR A 400 3.79 -20.35 -16.98
N ALA A 401 2.53 -20.11 -17.35
CA ALA A 401 1.46 -19.86 -16.36
C ALA A 401 1.33 -21.00 -15.37
N THR A 402 1.38 -22.23 -15.89
CA THR A 402 1.24 -23.40 -15.05
C THR A 402 2.37 -23.46 -14.02
N ALA A 403 3.61 -23.20 -14.46
CA ALA A 403 4.74 -23.25 -13.54
C ALA A 403 4.65 -22.16 -12.46
N ARG A 404 4.32 -20.93 -12.88
CA ARG A 404 4.28 -19.78 -11.97
C ARG A 404 3.09 -19.89 -11.02
N LEU A 405 1.91 -20.18 -11.57
CA LEU A 405 0.71 -20.29 -10.71
C LEU A 405 0.80 -21.51 -9.82
N GLY A 406 1.50 -22.54 -10.29
CA GLY A 406 1.79 -23.74 -9.49
C GLY A 406 2.64 -23.37 -8.29
N ARG A 407 3.71 -22.62 -8.51
CA ARG A 407 4.52 -22.14 -7.37
C ARG A 407 3.69 -21.29 -6.41
N ALA A 408 2.88 -20.40 -6.96
CA ALA A 408 2.03 -19.55 -6.12
C ALA A 408 1.12 -20.40 -5.27
N MSE A 409 0.52 -21.41 -5.87
CA MSE A 409 -0.36 -22.33 -5.13
C MSE A 409 0.39 -23.04 -4.02
O MSE A 409 -0.10 -23.14 -2.91
CB MSE A 409 -1.01 -23.36 -6.06
CG MSE A 409 -1.95 -24.29 -5.32
SE MSE A 409 -3.63 -23.42 -4.88
CE MSE A 409 -4.51 -23.61 -6.66
N ASP A 410 1.58 -23.53 -4.32
CA ASP A 410 2.37 -24.24 -3.33
C ASP A 410 2.62 -23.32 -2.13
N LEU A 411 2.97 -22.07 -2.40
CA LEU A 411 3.24 -21.12 -1.30
C LEU A 411 1.96 -20.73 -0.53
N ALA A 412 0.87 -20.51 -1.24
CA ALA A 412 -0.42 -20.20 -0.61
C ALA A 412 -0.91 -21.33 0.32
N VAL A 413 -0.78 -22.57 -0.13
CA VAL A 413 -1.13 -23.72 0.71
C VAL A 413 -0.22 -23.81 1.94
N GLU A 414 1.08 -23.72 1.72
CA GLU A 414 2.06 -23.80 2.79
C GLU A 414 1.82 -22.73 3.86
N SER A 415 1.49 -21.51 3.42
CA SER A 415 1.35 -20.38 4.36
C SER A 415 -0.06 -20.27 4.99
N GLY A 416 -0.99 -21.12 4.55
CA GLY A 416 -2.38 -21.05 5.03
C GLY A 416 -3.14 -19.84 4.49
N HIS A 417 -2.78 -19.36 3.30
CA HIS A 417 -3.41 -18.21 2.73
C HIS A 417 -4.64 -18.70 2.00
N GLU A 418 -5.68 -19.04 2.75
CA GLU A 418 -6.76 -19.79 2.13
C GLU A 418 -7.55 -18.97 1.13
N ASP A 419 -7.63 -17.66 1.34
CA ASP A 419 -8.31 -16.80 0.39
C ASP A 419 -7.61 -16.79 -0.96
N THR A 420 -6.28 -16.71 -0.95
CA THR A 420 -5.53 -16.75 -2.19
C THR A 420 -5.61 -18.14 -2.83
N VAL A 421 -5.56 -19.21 -2.03
CA VAL A 421 -5.79 -20.58 -2.56
C VAL A 421 -7.14 -20.63 -3.31
N LYS A 422 -8.20 -20.09 -2.72
CA LYS A 422 -9.53 -20.13 -3.37
C LYS A 422 -9.56 -19.39 -4.69
N MSE A 423 -8.90 -18.25 -4.74
N MSE A 423 -8.92 -18.22 -4.71
CA MSE A 423 -8.82 -17.46 -5.98
CA MSE A 423 -8.77 -17.42 -5.94
C MSE A 423 -7.93 -18.13 -7.04
C MSE A 423 -7.96 -18.15 -7.02
O MSE A 423 -8.21 -18.03 -8.25
O MSE A 423 -8.32 -18.14 -8.21
CB MSE A 423 -8.32 -16.06 -5.68
CB MSE A 423 -8.07 -16.09 -5.64
CG MSE A 423 -9.33 -15.26 -4.95
CG MSE A 423 -8.74 -15.22 -4.61
SE MSE A 423 -8.78 -13.41 -4.81
SE MSE A 423 -10.23 -14.19 -5.30
CE MSE A 423 -7.82 -13.48 -3.12
CE MSE A 423 -9.32 -13.37 -6.81
N LEU A 424 -6.87 -18.79 -6.60
CA LEU A 424 -6.03 -19.56 -7.51
C LEU A 424 -6.80 -20.75 -8.14
N ARG A 425 -7.70 -21.35 -7.38
CA ARG A 425 -8.49 -22.46 -7.88
C ARG A 425 -9.41 -22.03 -9.01
N LYS A 426 -9.78 -20.74 -9.07
CA LYS A 426 -10.60 -20.23 -10.15
C LYS A 426 -9.87 -20.08 -11.48
N VAL A 427 -8.55 -20.02 -11.44
CA VAL A 427 -7.73 -19.75 -12.65
C VAL A 427 -6.89 -20.94 -13.04
N THR A 428 -7.04 -22.01 -12.28
CA THR A 428 -6.32 -23.26 -12.50
C THR A 428 -7.29 -24.43 -12.49
N GLU A 429 -6.80 -25.58 -12.91
CA GLU A 429 -7.61 -26.81 -12.81
C GLU A 429 -6.70 -28.00 -12.60
N VAL A 430 -7.26 -29.07 -12.03
CA VAL A 430 -6.49 -30.28 -11.75
C VAL A 430 -6.64 -31.20 -12.94
N ASP A 431 -5.52 -31.38 -13.65
CA ASP A 431 -5.45 -32.27 -14.82
C ASP A 431 -5.75 -33.68 -14.34
N PRO A 432 -6.83 -34.30 -14.88
CA PRO A 432 -7.29 -35.59 -14.37
C PRO A 432 -6.27 -36.74 -14.53
N ALA A 433 -5.40 -36.60 -15.54
CA ALA A 433 -4.42 -37.64 -15.87
C ALA A 433 -3.27 -37.66 -14.87
N THR A 434 -2.61 -36.51 -14.71
CA THR A 434 -1.46 -36.37 -13.82
C THR A 434 -1.85 -36.03 -12.38
N SER A 435 -3.08 -35.53 -12.18
CA SER A 435 -3.49 -34.96 -10.88
C SER A 435 -2.73 -33.67 -10.54
N LYS A 436 -1.99 -33.15 -11.52
CA LYS A 436 -1.20 -31.93 -11.36
C LYS A 436 -2.10 -30.74 -11.67
N VAL A 437 -1.77 -29.61 -11.06
CA VAL A 437 -2.47 -28.36 -11.30
C VAL A 437 -1.93 -27.72 -12.57
N ARG A 438 -2.83 -27.25 -13.43
CA ARG A 438 -2.43 -26.52 -14.63
C ARG A 438 -3.18 -25.21 -14.72
N ALA A 439 -2.59 -24.24 -15.40
CA ALA A 439 -3.29 -22.98 -15.71
C ALA A 439 -4.42 -23.24 -16.69
N LYS A 440 -5.61 -22.69 -16.44
CA LYS A 440 -6.71 -22.79 -17.38
C LYS A 440 -6.43 -22.01 -18.65
N ALA A 441 -6.84 -22.58 -19.79
CA ALA A 441 -6.66 -21.92 -21.08
C ALA A 441 -7.57 -20.71 -21.18
N LYS A 442 -8.78 -20.82 -20.63
CA LYS A 442 -9.77 -19.76 -20.68
C LYS A 442 -10.20 -19.50 -19.23
N VAL A 443 -9.99 -18.28 -18.75
CA VAL A 443 -10.41 -17.89 -17.41
C VAL A 443 -11.36 -16.73 -17.51
N ASP A 444 -12.12 -16.55 -16.45
CA ASP A 444 -12.98 -15.40 -16.32
C ASP A 444 -12.08 -14.18 -16.11
N LYS A 445 -12.31 -13.15 -16.89
CA LYS A 445 -11.47 -11.94 -16.80
C LYS A 445 -11.49 -11.31 -15.41
N GLY A 446 -12.66 -11.28 -14.78
CA GLY A 446 -12.84 -10.71 -13.46
C GLY A 446 -12.09 -11.48 -12.40
N ASP A 447 -12.16 -12.81 -12.48
CA ASP A 447 -11.44 -13.70 -11.53
C ASP A 447 -9.93 -13.45 -11.63
N ALA A 448 -9.42 -13.35 -12.85
CA ALA A 448 -7.99 -13.10 -13.06
C ALA A 448 -7.62 -11.73 -12.52
N MSE A 449 -8.42 -10.71 -12.82
CA MSE A 449 -8.10 -9.35 -12.36
C MSE A 449 -8.15 -9.24 -10.86
O MSE A 449 -7.29 -8.59 -10.26
CB MSE A 449 -9.07 -8.34 -12.96
CG MSE A 449 -8.74 -8.10 -14.39
SE MSE A 449 -10.02 -6.86 -15.11
CE MSE A 449 -9.54 -5.40 -13.87
N GLU A 450 -9.13 -9.88 -10.23
CA GLU A 450 -9.24 -9.85 -8.81
C GLU A 450 -8.04 -10.46 -8.12
N LEU A 451 -7.61 -11.61 -8.59
CA LEU A 451 -6.41 -12.23 -8.06
C LEU A 451 -5.14 -11.38 -8.25
N ASP A 452 -4.99 -10.75 -9.41
CA ASP A 452 -3.88 -9.84 -9.67
C ASP A 452 -3.91 -8.70 -8.62
N VAL A 453 -5.10 -8.13 -8.42
CA VAL A 453 -5.26 -7.04 -7.47
C VAL A 453 -4.87 -7.43 -6.04
N VAL A 454 -5.35 -8.58 -5.58
CA VAL A 454 -5.05 -8.97 -4.21
C VAL A 454 -3.82 -9.88 -4.08
N SER A 455 -2.99 -9.98 -5.14
CA SER A 455 -1.79 -10.76 -5.10
C SER A 455 -0.86 -10.28 -4.00
N THR A 456 -0.95 -9.00 -3.66
CA THR A 456 -0.09 -8.39 -2.62
C THR A 456 -0.67 -8.37 -1.21
N LYS A 457 -1.88 -8.88 -1.06
CA LYS A 457 -2.45 -9.07 0.28
C LYS A 457 -1.84 -10.33 0.87
N THR A 458 -1.12 -10.20 1.97
CA THR A 458 -0.45 -11.33 2.55
C THR A 458 -1.27 -11.88 3.71
N VAL A 459 -0.87 -13.04 4.21
N VAL A 459 -0.83 -13.01 4.25
CA VAL A 459 -1.48 -13.59 5.42
CA VAL A 459 -1.41 -13.57 5.46
C VAL A 459 -0.45 -13.40 6.51
C VAL A 459 -0.39 -13.37 6.57
N ARG A 460 -0.91 -13.11 7.71
N ARG A 460 -0.88 -12.95 7.72
CA ARG A 460 0.06 -12.79 8.72
CA ARG A 460 -0.06 -12.53 8.84
C ARG A 460 0.83 -14.01 9.05
C ARG A 460 0.60 -13.76 9.50
N ALA A 461 1.95 -13.75 9.69
CA ALA A 461 2.76 -14.86 10.20
C ALA A 461 2.21 -15.49 11.49
NA NA B . -13.90 5.45 -17.97
#